data_6XP7
#
_entry.id   6XP7
#
_cell.length_a   53.050
_cell.length_b   71.810
_cell.length_c   118.850
_cell.angle_alpha   90.000
_cell.angle_beta   90.000
_cell.angle_gamma   90.000
#
_symmetry.space_group_name_H-M   'P 21 2 21'
#
loop_
_entity.id
_entity.type
_entity.pdbx_description
1 polymer 'Nucleoside diphosphate kinase'
2 non-polymer "ADENOSINE-5'-DIPHOSPHATE"
3 water water
#
_entity_poly.entity_id   1
_entity_poly.type   'polypeptide(L)'
_entity_poly.pdbx_seq_one_letter_code
;MHHHHHHGSMSNEQTFIAIKPDGVQRGLIGPIISRFENRGFKLVAMKLVSPPQSQLEQHYADLSDKPFFKGLVSYMLSGP
ICAMVWEGRDVVKTGRTILGATNPLASAPGTIRGDFAIDVGRNVCHGSDSVENAKKEIALWFKPEELISWKSATFDWVYE
KA
;
_entity_poly.pdbx_strand_id   A,B,C
#
# COMPACT_ATOMS: atom_id res chain seq x y z
N SER A 9 25.72 -15.57 -14.29
CA SER A 9 27.09 -15.28 -13.86
C SER A 9 27.40 -13.79 -14.02
N MET A 10 26.77 -13.14 -14.98
CA MET A 10 26.96 -11.72 -15.22
C MET A 10 25.89 -10.91 -14.49
N SER A 11 26.29 -9.75 -13.97
CA SER A 11 25.41 -8.94 -13.15
C SER A 11 24.39 -8.13 -13.96
N ASN A 12 24.50 -8.14 -15.29
CA ASN A 12 23.58 -7.40 -16.14
C ASN A 12 22.44 -8.28 -16.67
N GLU A 13 22.30 -9.49 -16.16
CA GLU A 13 21.19 -10.35 -16.56
C GLU A 13 19.86 -9.71 -16.15
N GLN A 14 18.85 -9.88 -17.01
CA GLN A 14 17.55 -9.26 -16.80
C GLN A 14 16.45 -10.30 -16.87
N THR A 15 15.42 -10.12 -16.05
CA THR A 15 14.25 -10.97 -16.06
C THR A 15 13.00 -10.10 -16.08
N PHE A 16 11.89 -10.69 -16.52
CA PHE A 16 10.60 -10.01 -16.58
C PHE A 16 9.74 -10.52 -15.42
N ILE A 17 9.41 -9.63 -14.49
CA ILE A 17 8.49 -9.92 -13.41
C ILE A 17 7.22 -9.11 -13.64
N ALA A 18 6.07 -9.75 -13.51
CA ALA A 18 4.78 -9.12 -13.75
C ALA A 18 3.83 -9.45 -12.61
N ILE A 19 3.26 -8.42 -12.00
CA ILE A 19 2.24 -8.62 -10.97
C ILE A 19 0.90 -8.82 -11.66
N LYS A 20 0.33 -10.00 -11.49
CA LYS A 20 -0.91 -10.36 -12.16
C LYS A 20 -2.08 -9.58 -11.56
N PRO A 21 -3.23 -9.53 -12.28
CA PRO A 21 -4.35 -8.72 -11.79
C PRO A 21 -4.79 -9.02 -10.37
N ASP A 22 -4.74 -10.29 -9.93
CA ASP A 22 -5.10 -10.60 -8.56
C ASP A 22 -4.10 -10.02 -7.56
N GLY A 23 -2.82 -9.93 -7.95
CA GLY A 23 -1.85 -9.29 -7.08
C GLY A 23 -2.09 -7.80 -6.94
N VAL A 24 -2.47 -7.15 -8.04
CA VAL A 24 -2.79 -5.72 -7.98
C VAL A 24 -4.06 -5.51 -7.17
N GLN A 25 -5.09 -6.32 -7.41
CA GLN A 25 -6.36 -6.15 -6.73
C GLN A 25 -6.24 -6.32 -5.23
N ARG A 26 -5.32 -7.17 -4.77
CA ARG A 26 -5.17 -7.45 -3.36
C ARG A 26 -4.14 -6.56 -2.68
N GLY A 27 -3.71 -5.49 -3.33
CA GLY A 27 -2.81 -4.53 -2.72
C GLY A 27 -1.43 -5.08 -2.41
N LEU A 28 -0.85 -5.81 -3.35
CA LEU A 28 0.44 -6.47 -3.16
C LEU A 28 1.54 -5.89 -4.04
N ILE A 29 1.30 -4.73 -4.67
CA ILE A 29 2.32 -4.14 -5.53
C ILE A 29 3.55 -3.75 -4.72
N GLY A 30 3.33 -3.03 -3.62
CA GLY A 30 4.41 -2.61 -2.74
C GLY A 30 5.23 -3.75 -2.19
N PRO A 31 4.59 -4.71 -1.51
CA PRO A 31 5.36 -5.83 -0.94
C PRO A 31 6.14 -6.63 -1.96
N ILE A 32 5.57 -6.88 -3.14
CA ILE A 32 6.27 -7.66 -4.15
C ILE A 32 7.50 -6.92 -4.65
N ILE A 33 7.38 -5.61 -4.87
CA ILE A 33 8.52 -4.83 -5.32
C ILE A 33 9.62 -4.83 -4.26
N SER A 34 9.24 -4.76 -2.99
CA SER A 34 10.23 -4.77 -1.92
C SER A 34 11.01 -6.07 -1.86
N ARG A 35 10.39 -7.18 -2.28
CA ARG A 35 11.09 -8.47 -2.26
C ARG A 35 12.32 -8.44 -3.15
N PHE A 36 12.18 -7.94 -4.38
CA PHE A 36 13.32 -7.82 -5.28
C PHE A 36 14.20 -6.63 -4.92
N GLU A 37 13.60 -5.54 -4.46
CA GLU A 37 14.38 -4.35 -4.11
C GLU A 37 15.31 -4.63 -2.94
N ASN A 38 14.81 -5.29 -1.90
CA ASN A 38 15.64 -5.57 -0.73
C ASN A 38 16.69 -6.64 -1.00
N ARG A 39 16.48 -7.50 -2.00
CA ARG A 39 17.45 -8.54 -2.32
C ARG A 39 18.71 -7.96 -2.97
N GLY A 40 18.61 -6.78 -3.57
CA GLY A 40 19.73 -6.18 -4.28
C GLY A 40 19.53 -6.05 -5.78
N PHE A 41 18.43 -6.54 -6.34
CA PHE A 41 18.22 -6.42 -7.77
C PHE A 41 17.83 -4.99 -8.14
N LYS A 42 18.14 -4.60 -9.37
CA LYS A 42 17.93 -3.25 -9.85
C LYS A 42 16.71 -3.20 -10.77
N LEU A 43 15.79 -2.29 -10.47
CA LEU A 43 14.63 -2.05 -11.32
C LEU A 43 15.02 -1.13 -12.47
N VAL A 44 14.96 -1.65 -13.70
CA VAL A 44 15.33 -0.88 -14.88
C VAL A 44 14.12 -0.51 -15.74
N ALA A 45 12.97 -1.12 -15.51
CA ALA A 45 11.76 -0.79 -16.25
C ALA A 45 10.54 -1.22 -15.45
N MET A 46 9.50 -0.40 -15.48
CA MET A 46 8.25 -0.72 -14.79
C MET A 46 7.15 0.13 -15.37
N LYS A 47 5.95 -0.45 -15.48
CA LYS A 47 4.78 0.30 -15.91
C LYS A 47 3.53 -0.48 -15.54
N LEU A 48 2.46 0.27 -15.26
CA LEU A 48 1.14 -0.31 -15.05
C LEU A 48 0.39 -0.27 -16.39
N VAL A 49 0.10 -1.45 -16.94
CA VAL A 49 -0.48 -1.55 -18.27
C VAL A 49 -1.65 -2.53 -18.25
N SER A 50 -2.49 -2.41 -19.29
CA SER A 50 -3.60 -3.33 -19.53
C SER A 50 -3.44 -3.81 -20.96
N PRO A 51 -2.64 -4.86 -21.18
CA PRO A 51 -2.23 -5.23 -22.55
C PRO A 51 -3.40 -5.81 -23.33
N PRO A 52 -3.32 -5.77 -24.66
CA PRO A 52 -4.38 -6.38 -25.48
C PRO A 52 -4.34 -7.89 -25.40
N GLN A 53 -5.40 -8.51 -25.96
CA GLN A 53 -5.54 -9.95 -25.90
C GLN A 53 -4.41 -10.66 -26.63
N SER A 54 -4.00 -10.13 -27.79
CA SER A 54 -2.98 -10.79 -28.59
C SER A 54 -1.62 -10.79 -27.89
N GLN A 55 -1.34 -9.78 -27.06
CA GLN A 55 -0.08 -9.76 -26.33
C GLN A 55 -0.04 -10.85 -25.25
N LEU A 56 -1.14 -11.03 -24.52
CA LEU A 56 -1.18 -12.05 -23.49
C LEU A 56 -1.15 -13.45 -24.09
N GLU A 57 -1.76 -13.64 -25.25
CA GLU A 57 -1.73 -14.95 -25.90
C GLU A 57 -0.33 -15.28 -26.40
N GLN A 58 0.41 -14.27 -26.86
CA GLN A 58 1.81 -14.50 -27.22
C GLN A 58 2.66 -14.76 -25.98
N HIS A 59 2.36 -14.10 -24.87
CA HIS A 59 3.10 -14.33 -23.63
C HIS A 59 3.03 -15.79 -23.20
N TYR A 60 1.84 -16.38 -23.25
CA TYR A 60 1.65 -17.79 -22.92
C TYR A 60 1.46 -18.64 -24.18
N ALA A 61 2.26 -18.38 -25.21
CA ALA A 61 2.11 -19.12 -26.47
C ALA A 61 2.42 -20.59 -26.30
N ASP A 62 3.38 -20.94 -25.43
CA ASP A 62 3.73 -22.33 -25.22
C ASP A 62 2.63 -23.13 -24.53
N LEU A 63 1.62 -22.45 -23.97
CA LEU A 63 0.51 -23.11 -23.29
C LEU A 63 -0.80 -22.99 -24.07
N SER A 64 -0.73 -22.73 -25.38
CA SER A 64 -1.93 -22.57 -26.18
C SER A 64 -2.75 -23.86 -26.26
N ASP A 65 -2.12 -25.01 -26.08
CA ASP A 65 -2.82 -26.29 -26.10
C ASP A 65 -3.30 -26.72 -24.73
N LYS A 66 -3.00 -25.96 -23.68
CA LYS A 66 -3.49 -26.29 -22.35
C LYS A 66 -5.00 -26.02 -22.26
N PRO A 67 -5.72 -26.82 -21.49
CA PRO A 67 -7.16 -26.57 -21.35
C PRO A 67 -7.47 -25.28 -20.62
N PHE A 68 -6.59 -24.81 -19.74
CA PHE A 68 -6.80 -23.58 -19.00
C PHE A 68 -6.25 -22.35 -19.71
N PHE A 69 -5.89 -22.47 -20.99
CA PHE A 69 -5.28 -21.36 -21.71
C PHE A 69 -6.26 -20.21 -21.90
N LYS A 70 -7.47 -20.52 -22.39
CA LYS A 70 -8.46 -19.47 -22.65
C LYS A 70 -8.83 -18.75 -21.35
N GLY A 71 -8.99 -19.50 -20.26
CA GLY A 71 -9.30 -18.88 -18.98
C GLY A 71 -8.14 -18.08 -18.42
N LEU A 72 -6.90 -18.50 -18.71
CA LEU A 72 -5.74 -17.75 -18.25
C LEU A 72 -5.66 -16.39 -18.92
N VAL A 73 -5.83 -16.35 -20.24
CA VAL A 73 -5.78 -15.08 -20.97
C VAL A 73 -6.91 -14.16 -20.53
N SER A 74 -8.10 -14.73 -20.33
CA SER A 74 -9.24 -13.93 -19.92
C SER A 74 -9.04 -13.32 -18.53
N TYR A 75 -8.48 -14.11 -17.61
CA TYR A 75 -8.23 -13.59 -16.27
C TYR A 75 -7.10 -12.57 -16.26
N MET A 76 -6.09 -12.75 -17.12
CA MET A 76 -5.02 -11.77 -17.23
C MET A 76 -5.50 -10.46 -17.87
N LEU A 77 -6.66 -10.49 -18.53
CA LEU A 77 -7.25 -9.28 -19.09
C LEU A 77 -8.21 -8.59 -18.13
N SER A 78 -8.57 -9.23 -17.02
CA SER A 78 -9.61 -8.73 -16.13
C SER A 78 -9.15 -7.61 -15.22
N GLY A 79 -7.88 -7.22 -15.27
CA GLY A 79 -7.38 -6.16 -14.43
C GLY A 79 -6.01 -5.66 -14.85
N PRO A 80 -5.54 -4.60 -14.20
CA PRO A 80 -4.23 -4.06 -14.56
C PRO A 80 -3.10 -4.96 -14.11
N ILE A 81 -1.98 -4.87 -14.82
CA ILE A 81 -0.78 -5.65 -14.54
C ILE A 81 0.38 -4.69 -14.35
N CYS A 82 1.22 -4.98 -13.35
CA CYS A 82 2.42 -4.19 -13.08
C CYS A 82 3.60 -4.92 -13.70
N ALA A 83 3.95 -4.53 -14.93
CA ALA A 83 5.03 -5.15 -15.67
C ALA A 83 6.36 -4.53 -15.26
N MET A 84 7.35 -5.37 -14.99
CA MET A 84 8.64 -4.93 -14.47
C MET A 84 9.77 -5.68 -15.13
N VAL A 85 10.94 -5.04 -15.21
CA VAL A 85 12.17 -5.67 -15.64
C VAL A 85 13.21 -5.45 -14.55
N TRP A 86 13.69 -6.54 -13.95
CA TRP A 86 14.69 -6.49 -12.89
C TRP A 86 16.03 -6.99 -13.41
N GLU A 87 17.10 -6.35 -12.98
CA GLU A 87 18.45 -6.66 -13.46
C GLU A 87 19.34 -7.08 -12.30
N GLY A 88 20.10 -8.15 -12.50
CA GLY A 88 21.01 -8.64 -11.49
C GLY A 88 21.57 -9.98 -11.87
N ARG A 89 22.62 -10.37 -11.16
CA ARG A 89 23.27 -11.65 -11.40
C ARG A 89 22.32 -12.79 -11.06
N ASP A 90 22.07 -13.66 -12.05
N ASP A 90 22.07 -13.66 -12.05
CA ASP A 90 21.19 -14.81 -11.89
CA ASP A 90 21.19 -14.81 -11.89
C ASP A 90 19.78 -14.39 -11.45
C ASP A 90 19.80 -14.38 -11.43
N VAL A 91 19.33 -13.24 -11.95
CA VAL A 91 18.04 -12.71 -11.54
C VAL A 91 16.88 -13.57 -12.05
N VAL A 92 17.07 -14.31 -13.14
CA VAL A 92 16.00 -15.17 -13.64
C VAL A 92 15.76 -16.32 -12.67
N LYS A 93 16.81 -17.08 -12.35
CA LYS A 93 16.67 -18.23 -11.46
C LYS A 93 16.31 -17.78 -10.05
N THR A 94 17.03 -16.79 -9.51
CA THR A 94 16.72 -16.30 -8.18
C THR A 94 15.33 -15.67 -8.13
N GLY A 95 14.93 -14.98 -9.21
CA GLY A 95 13.59 -14.43 -9.26
C GLY A 95 12.51 -15.48 -9.16
N ARG A 96 12.70 -16.62 -9.83
CA ARG A 96 11.75 -17.71 -9.72
C ARG A 96 11.69 -18.24 -8.30
N THR A 97 12.84 -18.33 -7.63
CA THR A 97 12.87 -18.80 -6.25
C THR A 97 12.15 -17.82 -5.32
N ILE A 98 12.28 -16.52 -5.59
CA ILE A 98 11.60 -15.52 -4.77
C ILE A 98 10.09 -15.62 -4.96
N LEU A 99 9.63 -15.89 -6.18
CA LEU A 99 8.19 -16.00 -6.42
C LEU A 99 7.62 -17.25 -5.75
N GLY A 100 8.37 -18.35 -5.77
CA GLY A 100 7.90 -19.62 -5.24
C GLY A 100 7.38 -20.52 -6.34
N ALA A 101 6.97 -21.72 -5.94
CA ALA A 101 6.46 -22.69 -6.88
C ALA A 101 5.22 -22.16 -7.59
N THR A 102 5.00 -22.65 -8.82
CA THR A 102 3.84 -22.22 -9.60
C THR A 102 2.55 -22.51 -8.85
N ASN A 103 2.42 -23.70 -8.31
CA ASN A 103 1.29 -24.02 -7.44
C ASN A 103 1.59 -23.52 -6.03
N PRO A 104 0.83 -22.55 -5.51
CA PRO A 104 1.09 -22.07 -4.15
C PRO A 104 1.00 -23.14 -3.08
N LEU A 105 0.31 -24.25 -3.36
CA LEU A 105 0.27 -25.35 -2.40
C LEU A 105 1.65 -25.94 -2.17
N ALA A 106 2.50 -25.94 -3.19
CA ALA A 106 3.85 -26.45 -3.09
C ALA A 106 4.88 -25.39 -2.77
N SER A 107 4.47 -24.13 -2.66
CA SER A 107 5.41 -23.04 -2.38
C SER A 107 5.71 -22.96 -0.90
N ALA A 108 6.91 -22.45 -0.57
CA ALA A 108 7.37 -22.37 0.80
C ALA A 108 7.09 -21.00 1.39
N PRO A 109 6.80 -20.91 2.68
CA PRO A 109 6.68 -19.61 3.34
C PRO A 109 7.98 -18.84 3.25
N GLY A 110 7.87 -17.53 3.05
CA GLY A 110 8.99 -16.69 2.74
C GLY A 110 9.08 -16.28 1.29
N THR A 111 8.47 -17.05 0.39
CA THR A 111 8.34 -16.67 -1.00
C THR A 111 7.09 -15.83 -1.19
N ILE A 112 6.94 -15.25 -2.38
CA ILE A 112 5.80 -14.39 -2.67
C ILE A 112 4.51 -15.19 -2.64
N ARG A 113 4.46 -16.30 -3.39
CA ARG A 113 3.25 -17.12 -3.40
C ARG A 113 3.08 -17.88 -2.09
N GLY A 114 4.19 -18.26 -1.43
CA GLY A 114 4.10 -18.89 -0.13
C GLY A 114 3.55 -17.99 0.95
N ASP A 115 3.60 -16.67 0.75
CA ASP A 115 3.08 -15.73 1.72
C ASP A 115 1.74 -15.13 1.33
N PHE A 116 1.35 -15.19 0.06
CA PHE A 116 0.21 -14.43 -0.44
C PHE A 116 -0.77 -15.19 -1.31
N ALA A 117 -0.43 -16.38 -1.82
CA ALA A 117 -1.25 -17.03 -2.82
C ALA A 117 -1.71 -18.41 -2.34
N ILE A 118 -2.74 -18.93 -3.01
CA ILE A 118 -3.33 -20.22 -2.68
C ILE A 118 -3.58 -21.02 -3.95
N ASP A 119 -4.25 -20.41 -4.93
CA ASP A 119 -4.63 -21.09 -6.15
C ASP A 119 -3.57 -20.94 -7.23
N VAL A 120 -3.42 -22.00 -8.04
CA VAL A 120 -2.46 -21.95 -9.14
CA VAL A 120 -2.48 -21.97 -9.16
C VAL A 120 -2.91 -20.91 -10.17
N GLY A 121 -4.22 -20.77 -10.37
CA GLY A 121 -4.77 -19.77 -11.26
C GLY A 121 -4.80 -18.37 -10.70
N ARG A 122 -4.41 -18.20 -9.43
CA ARG A 122 -4.33 -16.90 -8.78
C ARG A 122 -3.02 -16.82 -7.98
N ASN A 123 -1.89 -16.98 -8.67
CA ASN A 123 -0.58 -16.94 -8.03
C ASN A 123 0.05 -15.56 -8.07
N VAL A 124 -0.75 -14.52 -8.31
CA VAL A 124 -0.47 -13.10 -8.07
C VAL A 124 0.73 -12.51 -8.82
N CYS A 125 1.59 -13.36 -9.38
N CYS A 125 1.58 -13.36 -9.39
CA CYS A 125 2.80 -12.86 -10.00
CA CYS A 125 2.80 -12.85 -10.00
C CYS A 125 3.27 -13.81 -11.09
C CYS A 125 3.29 -13.81 -11.07
N HIS A 126 4.16 -13.31 -11.93
CA HIS A 126 4.77 -14.09 -13.00
C HIS A 126 6.25 -13.74 -13.10
N GLY A 127 7.06 -14.71 -13.46
CA GLY A 127 8.48 -14.49 -13.68
C GLY A 127 8.99 -15.35 -14.80
N SER A 128 9.94 -14.81 -15.56
CA SER A 128 10.55 -15.56 -16.66
C SER A 128 11.28 -16.78 -16.12
N ASP A 129 11.16 -17.89 -16.84
CA ASP A 129 11.76 -19.15 -16.39
C ASP A 129 13.13 -19.41 -17.00
N SER A 130 13.60 -18.56 -17.91
CA SER A 130 14.92 -18.74 -18.50
C SER A 130 15.40 -17.40 -19.05
N VAL A 131 16.70 -17.33 -19.32
CA VAL A 131 17.29 -16.12 -19.89
C VAL A 131 16.75 -15.90 -21.30
N GLU A 132 16.58 -16.97 -22.08
CA GLU A 132 16.04 -16.84 -23.42
C GLU A 132 14.61 -16.34 -23.39
N ASN A 133 13.78 -16.93 -22.53
CA ASN A 133 12.39 -16.49 -22.42
C ASN A 133 12.28 -15.10 -21.81
N ALA A 134 13.24 -14.72 -20.95
CA ALA A 134 13.23 -13.37 -20.40
C ALA A 134 13.42 -12.33 -21.49
N LYS A 135 14.39 -12.55 -22.37
CA LYS A 135 14.61 -11.61 -23.48
C LYS A 135 13.39 -11.51 -24.37
N LYS A 136 12.74 -12.65 -24.64
CA LYS A 136 11.54 -12.64 -25.46
C LYS A 136 10.40 -11.91 -24.76
N GLU A 137 10.26 -12.10 -23.45
CA GLU A 137 9.18 -11.44 -22.71
C GLU A 137 9.46 -9.95 -22.53
N ILE A 138 10.73 -9.58 -22.34
CA ILE A 138 11.08 -8.17 -22.22
C ILE A 138 10.80 -7.44 -23.53
N ALA A 139 11.15 -8.06 -24.66
CA ALA A 139 10.88 -7.44 -25.96
C ALA A 139 9.39 -7.41 -26.29
N LEU A 140 8.60 -8.28 -25.68
CA LEU A 140 7.16 -8.32 -25.95
C LEU A 140 6.42 -7.26 -25.15
N TRP A 141 6.80 -7.06 -23.89
CA TRP A 141 6.08 -6.18 -22.98
C TRP A 141 6.60 -4.75 -22.97
N PHE A 142 7.86 -4.53 -23.31
CA PHE A 142 8.48 -3.22 -23.19
C PHE A 142 9.11 -2.78 -24.49
N LYS A 143 8.98 -1.49 -24.80
CA LYS A 143 9.83 -0.89 -25.82
C LYS A 143 11.24 -0.72 -25.27
N PRO A 144 12.26 -0.80 -26.12
CA PRO A 144 13.64 -0.64 -25.63
C PRO A 144 13.87 0.68 -24.91
N GLU A 145 13.14 1.73 -25.28
N GLU A 145 13.15 1.75 -25.29
CA GLU A 145 13.32 3.04 -24.65
CA GLU A 145 13.33 3.04 -24.64
C GLU A 145 12.77 3.09 -23.23
C GLU A 145 12.77 3.08 -23.23
N GLU A 146 11.94 2.12 -22.85
CA GLU A 146 11.35 2.08 -21.52
C GLU A 146 12.25 1.43 -20.48
N LEU A 147 13.38 0.86 -20.90
CA LEU A 147 14.37 0.31 -19.97
C LEU A 147 15.36 1.41 -19.61
N ILE A 148 15.37 1.80 -18.34
CA ILE A 148 16.19 2.91 -17.87
C ILE A 148 17.57 2.38 -17.48
N SER A 149 18.61 3.04 -17.97
CA SER A 149 19.99 2.70 -17.65
C SER A 149 20.48 3.58 -16.51
N TRP A 150 20.87 2.96 -15.41
CA TRP A 150 21.40 3.69 -14.27
C TRP A 150 22.29 2.77 -13.46
N LYS A 151 23.01 3.37 -12.51
CA LYS A 151 23.98 2.65 -11.68
C LYS A 151 23.57 2.80 -10.22
N SER A 152 23.34 1.68 -9.55
CA SER A 152 22.95 1.72 -8.16
C SER A 152 24.11 2.21 -7.30
N ALA A 153 23.79 3.03 -6.29
CA ALA A 153 24.83 3.57 -5.41
C ALA A 153 25.48 2.49 -4.56
N THR A 154 24.78 1.38 -4.32
CA THR A 154 25.30 0.26 -3.55
C THR A 154 25.74 -0.91 -4.43
N PHE A 155 26.04 -0.65 -5.70
CA PHE A 155 26.43 -1.72 -6.62
C PHE A 155 27.67 -2.45 -6.11
N ASP A 156 28.71 -1.70 -5.75
CA ASP A 156 29.95 -2.30 -5.27
C ASP A 156 29.79 -2.98 -3.91
N TRP A 157 28.68 -2.76 -3.21
CA TRP A 157 28.40 -3.47 -1.97
C TRP A 157 27.50 -4.67 -2.17
N VAL A 158 26.77 -4.74 -3.28
CA VAL A 158 25.99 -5.94 -3.57
C VAL A 158 26.85 -6.97 -4.29
N TYR A 159 27.74 -6.52 -5.17
CA TYR A 159 28.53 -7.41 -6.02
C TYR A 159 30.02 -7.25 -5.73
N GLU A 160 30.74 -8.37 -5.85
CA GLU A 160 32.19 -8.37 -5.70
C GLU A 160 32.86 -7.99 -7.02
N SER B 9 -14.03 15.36 -1.77
CA SER B 9 -15.43 15.03 -1.97
C SER B 9 -15.59 13.93 -3.02
N MET B 10 -15.02 14.15 -4.19
CA MET B 10 -15.12 13.18 -5.29
C MET B 10 -14.08 12.06 -5.10
N SER B 11 -14.56 10.82 -5.14
CA SER B 11 -13.68 9.67 -4.94
C SER B 11 -12.78 9.39 -6.14
N ASN B 12 -13.02 10.04 -7.28
CA ASN B 12 -12.19 9.85 -8.47
C ASN B 12 -11.17 10.98 -8.64
N GLU B 13 -10.92 11.75 -7.59
CA GLU B 13 -9.85 12.74 -7.63
C GLU B 13 -8.51 12.05 -7.81
N GLN B 14 -7.64 12.66 -8.61
CA GLN B 14 -6.35 12.09 -8.94
C GLN B 14 -5.23 13.06 -8.58
N THR B 15 -4.09 12.50 -8.18
CA THR B 15 -2.90 13.27 -7.89
C THR B 15 -1.69 12.62 -8.55
N PHE B 16 -0.64 13.40 -8.72
CA PHE B 16 0.62 12.92 -9.29
C PHE B 16 1.63 12.74 -8.17
N ILE B 17 2.07 11.50 -7.97
CA ILE B 17 3.09 11.16 -6.98
C ILE B 17 4.28 10.59 -7.73
N ALA B 18 5.47 11.13 -7.45
CA ALA B 18 6.69 10.72 -8.11
C ALA B 18 7.76 10.42 -7.08
N ILE B 19 8.43 9.28 -7.21
CA ILE B 19 9.57 8.94 -6.38
C ILE B 19 10.81 9.55 -7.02
N LYS B 20 11.46 10.46 -6.30
CA LYS B 20 12.61 11.17 -6.84
C LYS B 20 13.83 10.24 -6.91
N PRO B 21 14.86 10.61 -7.68
CA PRO B 21 15.99 9.69 -7.86
C PRO B 21 16.66 9.21 -6.58
N ASP B 22 16.65 10.03 -5.52
CA ASP B 22 17.21 9.57 -4.25
C ASP B 22 16.34 8.48 -3.63
N GLY B 23 15.02 8.61 -3.76
CA GLY B 23 14.15 7.56 -3.26
C GLY B 23 14.31 6.26 -4.02
N VAL B 24 14.57 6.35 -5.33
CA VAL B 24 14.85 5.14 -6.11
C VAL B 24 16.20 4.56 -5.72
N GLN B 25 17.22 5.41 -5.58
CA GLN B 25 18.56 4.94 -5.27
C GLN B 25 18.64 4.27 -3.91
N ARG B 26 17.85 4.73 -2.95
CA ARG B 26 17.89 4.20 -1.60
C ARG B 26 16.93 3.04 -1.37
N GLY B 27 16.36 2.48 -2.43
CA GLY B 27 15.50 1.32 -2.32
C GLY B 27 14.19 1.57 -1.59
N LEU B 28 13.52 2.68 -1.88
CA LEU B 28 12.31 3.07 -1.18
C LEU B 28 11.06 2.94 -2.04
N ILE B 29 11.15 2.30 -3.21
CA ILE B 29 9.99 2.22 -4.10
C ILE B 29 8.88 1.41 -3.45
N GLY B 30 9.20 0.21 -2.96
CA GLY B 30 8.26 -0.65 -2.31
C GLY B 30 7.52 -0.01 -1.14
N PRO B 31 8.26 0.47 -0.14
CA PRO B 31 7.60 1.07 1.03
C PRO B 31 6.77 2.29 0.70
N ILE B 32 7.22 3.13 -0.25
CA ILE B 32 6.45 4.32 -0.59
C ILE B 32 5.14 3.94 -1.26
N ILE B 33 5.18 2.96 -2.17
CA ILE B 33 3.96 2.50 -2.82
C ILE B 33 3.00 1.92 -1.79
N SER B 34 3.53 1.22 -0.78
CA SER B 34 2.68 0.62 0.24
C SER B 34 1.97 1.67 1.09
N ARG B 35 2.57 2.86 1.23
CA ARG B 35 1.91 3.92 1.99
C ARG B 35 0.58 4.30 1.37
N PHE B 36 0.56 4.54 0.05
CA PHE B 36 -0.68 4.86 -0.63
C PHE B 36 -1.55 3.62 -0.84
N GLU B 37 -0.92 2.46 -1.03
CA GLU B 37 -1.68 1.24 -1.26
C GLU B 37 -2.45 0.82 -0.01
N ASN B 38 -1.79 0.85 1.14
CA ASN B 38 -2.44 0.46 2.38
C ASN B 38 -3.47 1.49 2.84
N ARG B 39 -3.34 2.75 2.42
CA ARG B 39 -4.31 3.76 2.81
C ARG B 39 -5.65 3.55 2.12
N GLY B 40 -5.65 2.90 0.95
CA GLY B 40 -6.87 2.64 0.22
C GLY B 40 -6.99 3.37 -1.11
N PHE B 41 -5.92 3.98 -1.60
CA PHE B 41 -5.96 4.69 -2.86
C PHE B 41 -5.69 3.73 -4.02
N LYS B 42 -6.21 4.07 -5.19
CA LYS B 42 -6.12 3.22 -6.37
C LYS B 42 -5.01 3.73 -7.29
N LEU B 43 -4.09 2.84 -7.63
CA LEU B 43 -3.04 3.17 -8.61
C LEU B 43 -3.60 3.03 -10.01
N VAL B 44 -3.67 4.13 -10.75
CA VAL B 44 -4.21 4.12 -12.10
C VAL B 44 -3.13 4.27 -13.17
N ALA B 45 -1.94 4.73 -12.82
CA ALA B 45 -0.85 4.87 -13.78
C ALA B 45 0.47 4.87 -13.04
N MET B 46 1.47 4.20 -13.61
CA MET B 46 2.79 4.16 -13.03
C MET B 46 3.79 3.79 -14.12
N LYS B 47 4.97 4.39 -14.06
CA LYS B 47 6.06 4.04 -14.96
C LYS B 47 7.37 4.57 -14.40
N LEU B 48 8.44 3.83 -14.64
CA LEU B 48 9.79 4.28 -14.33
C LEU B 48 10.34 5.02 -15.54
N VAL B 49 10.70 6.29 -15.37
CA VAL B 49 11.09 7.15 -16.47
C VAL B 49 12.35 7.91 -16.11
N SER B 50 13.05 8.37 -17.14
CA SER B 50 14.17 9.31 -17.03
C SER B 50 13.83 10.48 -17.93
N PRO B 51 12.97 11.40 -17.46
CA PRO B 51 12.42 12.43 -18.34
C PRO B 51 13.48 13.43 -18.75
N PRO B 52 13.29 14.12 -19.87
CA PRO B 52 14.26 15.13 -20.32
C PRO B 52 14.23 16.36 -19.43
N GLN B 53 15.28 17.18 -19.58
CA GLN B 53 15.42 18.36 -18.73
C GLN B 53 14.26 19.33 -18.91
N SER B 54 13.79 19.49 -20.16
CA SER B 54 12.72 20.45 -20.42
C SER B 54 11.45 20.07 -19.66
N GLN B 55 11.10 18.78 -19.64
CA GLN B 55 9.92 18.34 -18.91
C GLN B 55 10.06 18.62 -17.41
N LEU B 56 11.25 18.36 -16.85
CA LEU B 56 11.47 18.63 -15.44
C LEU B 56 11.43 20.12 -15.13
N GLU B 57 11.97 20.94 -16.03
CA GLU B 57 11.89 22.39 -15.84
C GLU B 57 10.45 22.88 -15.97
N GLN B 58 9.68 22.30 -16.89
CA GLN B 58 8.26 22.64 -16.98
C GLN B 58 7.49 22.15 -15.76
N HIS B 59 7.92 21.04 -15.16
CA HIS B 59 7.27 20.55 -13.96
C HIS B 59 7.43 21.53 -12.79
N TYR B 60 8.65 22.03 -12.59
CA TYR B 60 8.93 23.04 -11.58
C TYR B 60 9.00 24.44 -12.19
N ALA B 61 8.06 24.78 -13.06
CA ALA B 61 8.11 26.06 -13.76
C ALA B 61 7.98 27.23 -12.79
N ASP B 62 7.13 27.09 -11.77
CA ASP B 62 6.91 28.17 -10.80
C ASP B 62 8.15 28.46 -9.96
N LEU B 63 9.21 27.66 -10.08
CA LEU B 63 10.43 27.85 -9.31
C LEU B 63 11.62 28.19 -10.20
N SER B 64 11.36 28.73 -11.40
CA SER B 64 12.42 28.90 -12.39
C SER B 64 13.48 29.87 -11.91
N ASP B 65 13.09 30.92 -11.19
CA ASP B 65 14.04 31.92 -10.71
C ASP B 65 14.41 31.71 -9.24
N LYS B 66 14.20 30.50 -8.71
CA LYS B 66 14.66 30.20 -7.37
C LYS B 66 16.16 29.86 -7.39
N PRO B 67 16.88 30.16 -6.31
CA PRO B 67 18.33 29.90 -6.30
C PRO B 67 18.67 28.42 -6.45
N PHE B 68 17.80 27.53 -5.99
CA PHE B 68 18.07 26.09 -6.05
C PHE B 68 17.48 25.43 -7.29
N PHE B 69 17.02 26.21 -8.27
CA PHE B 69 16.33 25.64 -9.42
C PHE B 69 17.27 24.77 -10.27
N LYS B 70 18.45 25.30 -10.60
CA LYS B 70 19.39 24.54 -11.42
C LYS B 70 19.81 23.25 -10.73
N GLY B 71 20.09 23.33 -9.42
CA GLY B 71 20.47 22.13 -8.69
C GLY B 71 19.32 21.14 -8.56
N LEU B 72 18.10 21.65 -8.42
CA LEU B 72 16.93 20.77 -8.37
C LEU B 72 16.76 20.01 -9.67
N VAL B 73 16.92 20.70 -10.80
CA VAL B 73 16.70 20.07 -12.11
C VAL B 73 17.76 19.00 -12.37
N SER B 74 19.02 19.33 -12.15
CA SER B 74 20.08 18.36 -12.40
C SER B 74 20.00 17.17 -11.46
N TYR B 75 19.53 17.38 -10.23
CA TYR B 75 19.35 16.27 -9.31
C TYR B 75 18.18 15.38 -9.73
N MET B 76 17.12 15.98 -10.27
CA MET B 76 16.02 15.20 -10.82
C MET B 76 16.40 14.50 -12.13
N LEU B 77 17.52 14.89 -12.75
CA LEU B 77 18.03 14.21 -13.93
C LEU B 77 19.06 13.14 -13.59
N SER B 78 19.53 13.07 -12.35
CA SER B 78 20.63 12.20 -11.97
C SER B 78 20.24 10.75 -11.81
N GLY B 79 18.95 10.41 -11.85
CA GLY B 79 18.52 9.05 -11.71
C GLY B 79 17.09 8.84 -12.17
N PRO B 80 16.67 7.58 -12.23
CA PRO B 80 15.30 7.28 -12.65
C PRO B 80 14.28 7.79 -11.65
N ILE B 81 13.07 8.02 -12.16
CA ILE B 81 11.95 8.53 -11.37
C ILE B 81 10.77 7.57 -11.54
N CYS B 82 10.12 7.23 -10.44
CA CYS B 82 8.92 6.38 -10.48
C CYS B 82 7.71 7.30 -10.45
N ALA B 83 7.20 7.62 -11.63
CA ALA B 83 6.05 8.51 -11.75
C ALA B 83 4.76 7.71 -11.60
N MET B 84 3.84 8.23 -10.80
CA MET B 84 2.60 7.52 -10.48
C MET B 84 1.44 8.49 -10.51
N VAL B 85 0.25 7.94 -10.73
CA VAL B 85 -1.01 8.66 -10.59
C VAL B 85 -1.90 7.85 -9.66
N TRP B 86 -2.24 8.42 -8.51
CA TRP B 86 -3.10 7.77 -7.53
C TRP B 86 -4.46 8.43 -7.52
N GLU B 87 -5.51 7.62 -7.36
CA GLU B 87 -6.89 8.09 -7.39
C GLU B 87 -7.58 7.77 -6.07
N GLY B 88 -8.33 8.76 -5.57
CA GLY B 88 -9.07 8.61 -4.33
C GLY B 88 -9.68 9.91 -3.83
N ARG B 89 -10.62 9.83 -2.89
CA ARG B 89 -11.21 11.04 -2.33
C ARG B 89 -10.16 11.84 -1.56
N ASP B 90 -10.01 13.11 -1.91
CA ASP B 90 -9.04 14.00 -1.28
CA ASP B 90 -9.04 14.00 -1.27
C ASP B 90 -7.62 13.44 -1.33
N VAL B 91 -7.30 12.73 -2.43
CA VAL B 91 -5.99 12.11 -2.53
C VAL B 91 -4.89 13.16 -2.65
N VAL B 92 -5.20 14.34 -3.18
CA VAL B 92 -4.21 15.39 -3.32
C VAL B 92 -3.74 15.87 -1.94
N LYS B 93 -4.70 16.30 -1.10
CA LYS B 93 -4.34 16.83 0.21
C LYS B 93 -3.82 15.73 1.13
N THR B 94 -4.49 14.58 1.14
CA THR B 94 -4.04 13.48 1.98
C THR B 94 -2.71 12.92 1.50
N GLY B 95 -2.49 12.91 0.18
CA GLY B 95 -1.20 12.48 -0.34
C GLY B 95 -0.06 13.35 0.15
N ARG B 96 -0.28 14.66 0.20
CA ARG B 96 0.74 15.56 0.76
C ARG B 96 0.97 15.27 2.23
N THR B 97 -0.10 14.95 2.97
CA THR B 97 0.04 14.60 4.37
C THR B 97 0.84 13.32 4.54
N ILE B 98 0.66 12.36 3.63
CA ILE B 98 1.41 11.11 3.70
C ILE B 98 2.90 11.37 3.43
N LEU B 99 3.20 12.30 2.52
CA LEU B 99 4.59 12.59 2.21
C LEU B 99 5.29 13.31 3.36
N GLY B 100 4.59 14.19 4.05
CA GLY B 100 5.17 15.01 5.09
C GLY B 100 5.58 16.37 4.57
N ALA B 101 6.13 17.17 5.48
CA ALA B 101 6.54 18.53 5.13
C ALA B 101 7.64 18.51 4.07
N THR B 102 7.66 19.56 3.25
CA THR B 102 8.65 19.66 2.19
C THR B 102 10.07 19.53 2.74
N ASN B 103 10.35 20.22 3.84
CA ASN B 103 11.61 20.03 4.55
C ASN B 103 11.41 18.91 5.56
N PRO B 104 12.01 17.73 5.37
CA PRO B 104 11.84 16.64 6.34
C PRO B 104 12.30 16.99 7.75
N LEU B 105 13.03 18.10 7.93
CA LEU B 105 13.30 18.58 9.28
C LEU B 105 12.00 18.90 10.02
N ALA B 106 11.02 19.45 9.31
CA ALA B 106 9.74 19.81 9.89
C ALA B 106 8.70 18.70 9.76
N SER B 107 9.05 17.57 9.17
CA SER B 107 8.09 16.50 8.95
C SER B 107 7.99 15.62 10.20
N ALA B 108 6.82 15.03 10.38
CA ALA B 108 6.57 14.19 11.55
C ALA B 108 6.86 12.72 11.21
N PRO B 109 7.34 11.96 12.19
CA PRO B 109 7.48 10.52 12.00
C PRO B 109 6.12 9.90 11.67
N GLY B 110 6.16 8.82 10.88
CA GLY B 110 4.97 8.22 10.34
C GLY B 110 4.66 8.62 8.91
N THR B 111 5.22 9.75 8.46
CA THR B 111 5.14 10.15 7.07
C THR B 111 6.35 9.61 6.30
N ILE B 112 6.30 9.76 4.98
CA ILE B 112 7.39 9.25 4.14
C ILE B 112 8.68 10.00 4.44
N ARG B 113 8.64 11.33 4.37
CA ARG B 113 9.83 12.12 4.67
C ARG B 113 10.19 12.06 6.14
N GLY B 114 9.20 11.88 7.02
CA GLY B 114 9.47 11.75 8.43
C GLY B 114 10.12 10.45 8.82
N ASP B 115 10.07 9.44 7.94
CA ASP B 115 10.71 8.16 8.20
C ASP B 115 11.95 7.90 7.37
N PHE B 116 12.17 8.65 6.29
CA PHE B 116 13.21 8.31 5.32
C PHE B 116 14.10 9.47 4.89
N ALA B 117 13.72 10.73 5.12
CA ALA B 117 14.42 11.86 4.54
C ALA B 117 14.97 12.78 5.63
N ILE B 118 15.95 13.60 5.24
CA ILE B 118 16.61 14.53 6.15
C ILE B 118 16.72 15.90 5.50
N ASP B 119 17.23 15.95 4.27
CA ASP B 119 17.48 17.20 3.57
C ASP B 119 16.32 17.55 2.64
N VAL B 120 16.01 18.84 2.57
CA VAL B 120 14.93 19.29 1.70
C VAL B 120 15.28 19.08 0.23
N GLY B 121 16.56 19.23 -0.13
CA GLY B 121 17.01 18.92 -1.47
C GLY B 121 17.07 17.43 -1.79
N ARG B 122 16.80 16.57 -0.80
CA ARG B 122 16.74 15.13 -1.00
C ARG B 122 15.54 14.58 -0.24
N ASN B 123 14.35 15.09 -0.57
CA ASN B 123 13.14 14.71 0.16
C ASN B 123 12.40 13.55 -0.50
N VAL B 124 13.07 12.78 -1.35
CA VAL B 124 12.71 11.41 -1.69
C VAL B 124 11.53 11.31 -2.65
N CYS B 125 10.50 12.14 -2.45
N CYS B 125 10.49 12.14 -2.44
CA CYS B 125 9.25 12.01 -3.19
CA CYS B 125 9.26 11.99 -3.19
C CYS B 125 8.72 13.38 -3.57
C CYS B 125 8.68 13.36 -3.52
N HIS B 126 7.74 13.37 -4.47
CA HIS B 126 7.01 14.57 -4.88
C HIS B 126 5.52 14.28 -4.85
N GLY B 127 4.74 15.32 -4.54
CA GLY B 127 3.29 15.23 -4.59
C GLY B 127 2.63 16.52 -5.04
N SER B 128 1.56 16.40 -5.82
CA SER B 128 0.87 17.59 -6.31
C SER B 128 0.26 18.37 -5.14
N ASP B 129 0.42 19.69 -5.16
CA ASP B 129 -0.04 20.54 -4.08
C ASP B 129 -1.48 20.99 -4.22
N SER B 130 -2.09 20.80 -5.40
CA SER B 130 -3.47 21.21 -5.60
C SER B 130 -4.08 20.34 -6.70
N VAL B 131 -5.41 20.40 -6.80
CA VAL B 131 -6.13 19.61 -7.79
C VAL B 131 -5.80 20.09 -9.20
N GLU B 132 -5.73 21.40 -9.40
CA GLU B 132 -5.43 21.92 -10.74
C GLU B 132 -3.98 21.63 -11.13
N ASN B 133 -3.04 21.81 -10.21
CA ASN B 133 -1.66 21.43 -10.49
C ASN B 133 -1.53 19.93 -10.72
N ALA B 134 -2.37 19.13 -10.06
CA ALA B 134 -2.33 17.68 -10.29
C ALA B 134 -2.72 17.34 -11.71
N LYS B 135 -3.80 17.94 -12.21
CA LYS B 135 -4.22 17.68 -13.59
C LYS B 135 -3.14 18.11 -14.58
N LYS B 136 -2.46 19.22 -14.29
CA LYS B 136 -1.41 19.69 -15.19
C LYS B 136 -0.19 18.79 -15.15
N GLU B 137 0.15 18.28 -13.96
CA GLU B 137 1.29 17.37 -13.85
C GLU B 137 0.98 16.01 -14.46
N ILE B 138 -0.23 15.51 -14.26
CA ILE B 138 -0.62 14.22 -14.83
C ILE B 138 -0.56 14.27 -16.35
N ALA B 139 -1.04 15.35 -16.96
CA ALA B 139 -0.98 15.47 -18.40
C ALA B 139 0.45 15.71 -18.89
N LEU B 140 1.30 16.28 -18.05
CA LEU B 140 2.68 16.53 -18.46
C LEU B 140 3.50 15.24 -18.46
N TRP B 141 3.28 14.37 -17.47
CA TRP B 141 4.10 13.18 -17.31
C TRP B 141 3.53 11.94 -17.98
N PHE B 142 2.21 11.86 -18.12
CA PHE B 142 1.55 10.67 -18.62
C PHE B 142 0.71 10.98 -19.86
N LYS B 143 0.75 10.08 -20.83
CA LYS B 143 -0.20 10.12 -21.93
C LYS B 143 -1.56 9.59 -21.45
N PRO B 144 -2.66 10.02 -22.07
CA PRO B 144 -3.98 9.59 -21.59
C PRO B 144 -4.16 8.08 -21.57
N GLU B 145 -3.63 7.37 -22.58
CA GLU B 145 -3.80 5.92 -22.62
C GLU B 145 -3.00 5.21 -21.54
N GLU B 146 -2.02 5.88 -20.93
CA GLU B 146 -1.23 5.29 -19.86
C GLU B 146 -1.98 5.25 -18.53
N LEU B 147 -3.11 5.94 -18.41
CA LEU B 147 -3.95 5.86 -17.23
C LEU B 147 -4.91 4.69 -17.37
N ILE B 148 -4.83 3.74 -16.44
CA ILE B 148 -5.57 2.48 -16.54
C ILE B 148 -6.89 2.63 -15.79
N SER B 149 -7.98 2.23 -16.45
CA SER B 149 -9.31 2.27 -15.87
C SER B 149 -9.63 0.90 -15.29
N TRP B 150 -9.88 0.86 -13.98
CA TRP B 150 -10.27 -0.38 -13.33
C TRP B 150 -10.97 -0.06 -12.02
N LYS B 151 -11.65 -1.07 -11.48
CA LYS B 151 -12.45 -0.94 -10.26
C LYS B 151 -11.87 -1.85 -9.19
N SER B 152 -11.52 -1.27 -8.05
CA SER B 152 -10.96 -2.05 -6.95
C SER B 152 -12.01 -2.99 -6.38
N ALA B 153 -11.59 -4.22 -6.05
CA ALA B 153 -12.50 -5.20 -5.49
C ALA B 153 -13.00 -4.81 -4.10
N THR B 154 -12.31 -3.91 -3.42
CA THR B 154 -12.69 -3.45 -2.08
C THR B 154 -13.12 -1.98 -2.10
N PHE B 155 -13.61 -1.50 -3.23
CA PHE B 155 -14.03 -0.10 -3.35
C PHE B 155 -15.14 0.22 -2.36
N ASP B 156 -16.13 -0.67 -2.23
CA ASP B 156 -17.26 -0.43 -1.36
C ASP B 156 -16.92 -0.61 0.13
N TRP B 157 -15.75 -1.16 0.44
CA TRP B 157 -15.29 -1.21 1.82
C TRP B 157 -14.36 -0.06 2.18
N VAL B 158 -13.79 0.61 1.19
CA VAL B 158 -13.02 1.82 1.46
C VAL B 158 -13.91 3.06 1.48
N TYR B 159 -14.96 3.09 0.67
CA TYR B 159 -15.85 4.23 0.57
C TYR B 159 -17.27 3.83 0.93
N GLU B 160 -17.98 4.73 1.59
CA GLU B 160 -19.35 4.47 2.02
C GLU B 160 -20.35 4.73 0.91
N SER C 9 -3.64 7.21 35.35
CA SER C 9 -4.45 6.62 36.41
C SER C 9 -3.94 5.23 36.79
N MET C 10 -4.85 4.26 36.82
CA MET C 10 -4.50 2.89 37.17
C MET C 10 -4.13 2.10 35.93
N SER C 11 -3.18 1.17 36.11
CA SER C 11 -2.74 0.32 35.00
C SER C 11 -3.76 -0.74 34.63
N ASN C 12 -4.83 -0.90 35.40
CA ASN C 12 -5.87 -1.87 35.11
C ASN C 12 -7.04 -1.28 34.33
N GLU C 13 -6.90 -0.05 33.83
CA GLU C 13 -7.95 0.56 33.04
C GLU C 13 -8.19 -0.25 31.77
N GLN C 14 -9.46 -0.38 31.39
CA GLN C 14 -9.85 -1.16 30.22
C GLN C 14 -10.64 -0.29 29.25
N THR C 15 -10.53 -0.61 27.97
CA THR C 15 -11.29 0.04 26.92
C THR C 15 -11.78 -1.01 25.94
N PHE C 16 -12.76 -0.62 25.13
CA PHE C 16 -13.32 -1.50 24.10
C PHE C 16 -12.85 -1.04 22.74
N ILE C 17 -12.15 -1.92 22.04
CA ILE C 17 -11.70 -1.69 20.66
C ILE C 17 -12.34 -2.74 19.77
N ALA C 18 -12.92 -2.30 18.66
CA ALA C 18 -13.59 -3.20 17.73
C ALA C 18 -13.11 -2.90 16.32
N ILE C 19 -12.74 -3.95 15.59
CA ILE C 19 -12.40 -3.84 14.18
C ILE C 19 -13.70 -3.95 13.38
N LYS C 20 -14.06 -2.87 12.70
CA LYS C 20 -15.32 -2.80 11.99
C LYS C 20 -15.29 -3.70 10.76
N PRO C 21 -16.47 -4.01 10.19
CA PRO C 21 -16.50 -4.95 9.05
C PRO C 21 -15.61 -4.55 7.87
N ASP C 22 -15.37 -3.26 7.65
CA ASP C 22 -14.46 -2.88 6.58
C ASP C 22 -13.02 -3.23 6.93
N GLY C 23 -12.64 -3.15 8.21
CA GLY C 23 -11.31 -3.54 8.61
C GLY C 23 -11.07 -5.04 8.49
N VAL C 24 -12.11 -5.83 8.73
CA VAL C 24 -11.97 -7.28 8.58
C VAL C 24 -11.88 -7.66 7.11
N GLN C 25 -12.72 -7.06 6.27
CA GLN C 25 -12.74 -7.38 4.85
C GLN C 25 -11.44 -7.03 4.15
N ARG C 26 -10.76 -5.97 4.60
CA ARG C 26 -9.53 -5.51 3.98
C ARG C 26 -8.29 -6.16 4.59
N GLY C 27 -8.46 -7.11 5.51
CA GLY C 27 -7.34 -7.84 6.06
C GLY C 27 -6.46 -7.04 7.00
N LEU C 28 -7.08 -6.32 7.93
CA LEU C 28 -6.36 -5.44 8.85
C LEU C 28 -6.43 -5.93 10.29
N ILE C 29 -6.84 -7.19 10.52
CA ILE C 29 -6.97 -7.70 11.88
C ILE C 29 -5.60 -7.81 12.53
N GLY C 30 -4.63 -8.38 11.83
CA GLY C 30 -3.28 -8.50 12.32
C GLY C 30 -2.62 -7.17 12.62
N PRO C 31 -2.55 -6.27 11.63
CA PRO C 31 -1.91 -4.97 11.87
C PRO C 31 -2.53 -4.18 13.03
N ILE C 32 -3.86 -4.18 13.15
CA ILE C 32 -4.50 -3.39 14.20
C ILE C 32 -4.16 -3.96 15.58
N ILE C 33 -4.25 -5.28 15.73
CA ILE C 33 -3.89 -5.92 16.99
C ILE C 33 -2.43 -5.64 17.33
N SER C 34 -1.56 -5.57 16.32
CA SER C 34 -0.15 -5.31 16.57
C SER C 34 0.09 -3.92 17.12
N ARG C 35 -0.75 -2.94 16.75
CA ARG C 35 -0.59 -1.58 17.25
C ARG C 35 -0.71 -1.54 18.76
N PHE C 36 -1.76 -2.16 19.31
CA PHE C 36 -1.94 -2.18 20.75
C PHE C 36 -0.96 -3.14 21.42
N GLU C 37 -0.68 -4.28 20.75
CA GLU C 37 0.23 -5.26 21.33
C GLU C 37 1.65 -4.71 21.47
N ASN C 38 2.14 -4.02 20.44
CA ASN C 38 3.49 -3.46 20.49
C ASN C 38 3.56 -2.26 21.44
N ARG C 39 2.44 -1.58 21.69
CA ARG C 39 2.47 -0.44 22.59
C ARG C 39 2.66 -0.87 24.05
N GLY C 40 2.25 -2.08 24.39
CA GLY C 40 2.37 -2.59 25.75
C GLY C 40 1.05 -2.87 26.44
N PHE C 41 -0.08 -2.71 25.77
CA PHE C 41 -1.37 -2.98 26.39
C PHE C 41 -1.65 -4.48 26.37
N LYS C 42 -2.48 -4.91 27.33
CA LYS C 42 -2.80 -6.32 27.51
C LYS C 42 -4.16 -6.64 26.93
N LEU C 43 -4.22 -7.64 26.06
CA LEU C 43 -5.48 -8.13 25.53
C LEU C 43 -6.10 -9.08 26.54
N VAL C 44 -7.26 -8.71 27.09
CA VAL C 44 -7.94 -9.52 28.07
C VAL C 44 -9.22 -10.16 27.55
N ALA C 45 -9.72 -9.71 26.40
CA ALA C 45 -10.90 -10.32 25.80
C ALA C 45 -10.89 -10.03 24.31
N MET C 46 -11.26 -11.04 23.52
CA MET C 46 -11.37 -10.87 22.08
C MET C 46 -12.26 -11.98 21.53
N LYS C 47 -13.09 -11.63 20.54
CA LYS C 47 -13.92 -12.61 19.87
C LYS C 47 -14.43 -12.04 18.56
N LEU C 48 -14.50 -12.88 17.53
CA LEU C 48 -15.11 -12.51 16.27
C LEU C 48 -16.61 -12.78 16.36
N VAL C 49 -17.40 -11.76 16.07
CA VAL C 49 -18.84 -11.82 16.32
C VAL C 49 -19.57 -11.03 15.24
N SER C 50 -20.83 -11.40 15.00
CA SER C 50 -21.74 -10.68 14.10
C SER C 50 -22.96 -10.31 14.94
N PRO C 51 -22.93 -9.18 15.64
CA PRO C 51 -23.99 -8.87 16.61
C PRO C 51 -25.30 -8.56 15.92
N PRO C 52 -26.42 -8.70 16.62
CA PRO C 52 -27.72 -8.32 16.04
C PRO C 52 -27.81 -6.81 15.86
N GLN C 53 -28.81 -6.41 15.08
CA GLN C 53 -29.02 -4.98 14.82
C GLN C 53 -29.36 -4.22 16.09
N SER C 54 -30.10 -4.85 17.02
CA SER C 54 -30.49 -4.17 18.25
C SER C 54 -29.28 -3.86 19.12
N GLN C 55 -28.28 -4.74 19.14
CA GLN C 55 -27.08 -4.49 19.91
C GLN C 55 -26.28 -3.34 19.33
N LEU C 56 -26.17 -3.28 17.99
CA LEU C 56 -25.45 -2.19 17.35
C LEU C 56 -26.18 -0.86 17.50
N GLU C 57 -27.51 -0.89 17.53
CA GLU C 57 -28.25 0.34 17.77
C GLU C 57 -28.12 0.80 19.21
N GLN C 58 -27.92 -0.12 20.14
CA GLN C 58 -27.62 0.26 21.53
C GLN C 58 -26.20 0.77 21.66
N HIS C 59 -25.26 0.20 20.92
CA HIS C 59 -23.88 0.67 20.96
C HIS C 59 -23.77 2.11 20.49
N TYR C 60 -24.54 2.48 19.46
CA TYR C 60 -24.57 3.84 18.94
C TYR C 60 -25.87 4.54 19.32
N ALA C 61 -26.38 4.28 20.52
CA ALA C 61 -27.64 4.87 20.94
C ALA C 61 -27.54 6.39 21.09
N ASP C 62 -26.35 6.89 21.42
CA ASP C 62 -26.16 8.33 21.55
C ASP C 62 -26.24 9.06 20.21
N LEU C 63 -26.25 8.34 19.09
CA LEU C 63 -26.28 8.92 17.76
C LEU C 63 -27.54 8.53 16.99
N SER C 64 -28.62 8.21 17.72
CA SER C 64 -29.84 7.77 17.06
C SER C 64 -30.51 8.87 16.26
N ASP C 65 -30.20 10.13 16.51
CA ASP C 65 -30.78 11.25 15.79
C ASP C 65 -29.90 11.74 14.64
N LYS C 66 -28.71 11.18 14.47
CA LYS C 66 -27.84 11.59 13.38
C LYS C 66 -28.41 11.11 12.05
N PRO C 67 -28.21 11.89 10.97
CA PRO C 67 -28.68 11.44 9.65
C PRO C 67 -27.98 10.21 9.14
N PHE C 68 -26.76 9.94 9.59
CA PHE C 68 -25.99 8.78 9.14
C PHE C 68 -26.19 7.55 10.01
N PHE C 69 -27.15 7.60 10.95
CA PHE C 69 -27.34 6.48 11.86
C PHE C 69 -27.82 5.23 11.13
N LYS C 70 -28.79 5.38 10.22
CA LYS C 70 -29.32 4.21 9.51
C LYS C 70 -28.24 3.54 8.67
N GLY C 71 -27.43 4.34 7.97
CA GLY C 71 -26.34 3.76 7.20
C GLY C 71 -25.23 3.20 8.06
N LEU C 72 -25.01 3.78 9.23
CA LEU C 72 -23.97 3.29 10.13
C LEU C 72 -24.32 1.91 10.66
N VAL C 73 -25.57 1.70 11.07
CA VAL C 73 -25.97 0.42 11.64
C VAL C 73 -25.92 -0.68 10.58
N SER C 74 -26.47 -0.40 9.40
CA SER C 74 -26.48 -1.41 8.34
C SER C 74 -25.07 -1.74 7.87
N TYR C 75 -24.17 -0.77 7.91
CA TYR C 75 -22.78 -1.04 7.55
C TYR C 75 -22.08 -1.87 8.61
N MET C 76 -22.40 -1.64 9.89
CA MET C 76 -21.84 -2.47 10.95
C MET C 76 -22.38 -3.89 10.91
N LEU C 77 -23.46 -4.13 10.18
CA LEU C 77 -24.04 -5.46 10.02
C LEU C 77 -23.56 -6.19 8.78
N SER C 78 -22.80 -5.52 7.90
CA SER C 78 -22.44 -6.08 6.61
C SER C 78 -21.29 -7.08 6.68
N GLY C 79 -20.74 -7.33 7.87
CA GLY C 79 -19.64 -8.26 8.00
C GLY C 79 -19.29 -8.55 9.43
N PRO C 80 -18.35 -9.47 9.65
CA PRO C 80 -17.94 -9.81 11.01
C PRO C 80 -17.19 -8.67 11.66
N ILE C 81 -17.18 -8.69 13.00
CA ILE C 81 -16.52 -7.67 13.81
C ILE C 81 -15.59 -8.37 14.79
N CYS C 82 -14.37 -7.86 14.91
CA CYS C 82 -13.41 -8.35 15.89
C CYS C 82 -13.49 -7.45 17.11
N ALA C 83 -14.25 -7.87 18.11
CA ALA C 83 -14.43 -7.12 19.35
C ALA C 83 -13.33 -7.48 20.32
N MET C 84 -12.71 -6.46 20.94
CA MET C 84 -11.58 -6.66 21.81
C MET C 84 -11.72 -5.78 23.05
N VAL C 85 -11.08 -6.22 24.13
CA VAL C 85 -10.96 -5.43 25.36
C VAL C 85 -9.48 -5.37 25.71
N TRP C 86 -8.91 -4.17 25.69
CA TRP C 86 -7.51 -3.95 25.99
C TRP C 86 -7.38 -3.26 27.34
N GLU C 87 -6.38 -3.68 28.11
CA GLU C 87 -6.17 -3.19 29.47
C GLU C 87 -4.80 -2.52 29.57
N GLY C 88 -4.78 -1.36 30.21
CA GLY C 88 -3.53 -0.63 30.38
C GLY C 88 -3.80 0.75 30.92
N ARG C 89 -2.71 1.37 31.40
CA ARG C 89 -2.81 2.73 31.95
C ARG C 89 -3.20 3.71 30.85
N ASP C 90 -4.28 4.46 31.09
CA ASP C 90 -4.79 5.45 30.14
C ASP C 90 -5.12 4.83 28.79
N VAL C 91 -5.55 3.57 28.79
CA VAL C 91 -5.77 2.85 27.54
C VAL C 91 -6.94 3.42 26.75
N VAL C 92 -7.88 4.09 27.42
CA VAL C 92 -9.00 4.71 26.71
C VAL C 92 -8.52 5.87 25.86
N LYS C 93 -7.84 6.83 26.49
CA LYS C 93 -7.37 8.01 25.77
C LYS C 93 -6.26 7.65 24.79
N THR C 94 -5.30 6.85 25.24
CA THR C 94 -4.21 6.45 24.35
C THR C 94 -4.73 5.58 23.21
N GLY C 95 -5.75 4.76 23.47
CA GLY C 95 -6.33 3.95 22.41
C GLY C 95 -6.92 4.79 21.29
N ARG C 96 -7.61 5.88 21.66
CA ARG C 96 -8.15 6.79 20.65
C ARG C 96 -7.03 7.43 19.85
N THR C 97 -5.92 7.76 20.52
CA THR C 97 -4.78 8.34 19.82
C THR C 97 -4.19 7.35 18.81
N ILE C 98 -4.16 6.07 19.16
CA ILE C 98 -3.65 5.05 18.25
C ILE C 98 -4.58 4.90 17.06
N LEU C 99 -5.90 4.97 17.28
CA LEU C 99 -6.84 4.85 16.18
C LEU C 99 -6.74 6.02 15.22
N GLY C 100 -6.65 7.23 15.75
CA GLY C 100 -6.64 8.45 14.96
C GLY C 100 -7.98 9.17 15.04
N ALA C 101 -8.05 10.29 14.33
CA ALA C 101 -9.27 11.09 14.31
C ALA C 101 -10.42 10.30 13.70
N THR C 102 -11.63 10.61 14.14
CA THR C 102 -12.82 9.91 13.65
C THR C 102 -12.92 10.00 12.12
N ASN C 103 -12.69 11.18 11.57
CA ASN C 103 -12.60 11.34 10.13
C ASN C 103 -11.14 11.10 9.72
N PRO C 104 -10.83 10.01 9.03
CA PRO C 104 -9.42 9.75 8.67
C PRO C 104 -8.80 10.83 7.80
N LEU C 105 -9.61 11.67 7.16
CA LEU C 105 -9.05 12.82 6.44
C LEU C 105 -8.35 13.78 7.41
N ALA C 106 -8.75 13.79 8.67
CA ALA C 106 -8.11 14.61 9.69
C ALA C 106 -7.12 13.83 10.55
N SER C 107 -6.90 12.55 10.25
CA SER C 107 -6.00 11.72 11.04
C SER C 107 -4.58 11.83 10.51
N ALA C 108 -3.61 11.61 11.40
CA ALA C 108 -2.21 11.72 11.02
C ALA C 108 -1.64 10.34 10.65
N PRO C 109 -0.74 10.30 9.68
CA PRO C 109 -0.04 9.04 9.39
C PRO C 109 0.66 8.51 10.64
N GLY C 110 0.74 7.18 10.73
CA GLY C 110 1.21 6.52 11.91
C GLY C 110 0.11 5.99 12.80
N THR C 111 -1.11 6.52 12.68
CA THR C 111 -2.26 5.97 13.37
C THR C 111 -2.94 4.93 12.48
N ILE C 112 -3.92 4.23 13.07
CA ILE C 112 -4.62 3.18 12.31
C ILE C 112 -5.37 3.78 11.14
N ARG C 113 -6.21 4.78 11.40
CA ARG C 113 -6.95 5.43 10.32
C ARG C 113 -6.04 6.26 9.43
N GLY C 114 -4.98 6.83 9.99
CA GLY C 114 -4.02 7.58 9.19
C GLY C 114 -3.23 6.71 8.24
N ASP C 115 -3.23 5.39 8.45
CA ASP C 115 -2.51 4.47 7.58
C ASP C 115 -3.42 3.63 6.69
N PHE C 116 -4.71 3.55 7.00
CA PHE C 116 -5.59 2.58 6.33
C PHE C 116 -6.94 3.12 5.88
N ALA C 117 -7.44 4.21 6.44
CA ALA C 117 -8.81 4.64 6.21
C ALA C 117 -8.86 5.96 5.44
N ILE C 118 -9.99 6.20 4.77
CA ILE C 118 -10.21 7.40 3.98
C ILE C 118 -11.54 8.04 4.34
N ASP C 119 -12.62 7.27 4.28
CA ASP C 119 -13.95 7.79 4.59
C ASP C 119 -14.28 7.62 6.06
N VAL C 120 -15.00 8.61 6.60
CA VAL C 120 -15.43 8.53 8.00
C VAL C 120 -16.41 7.37 8.21
N GLY C 121 -17.26 7.10 7.21
CA GLY C 121 -18.14 5.95 7.27
C GLY C 121 -17.43 4.62 7.11
N ARG C 122 -16.15 4.63 6.74
CA ARG C 122 -15.34 3.43 6.62
C ARG C 122 -14.00 3.65 7.33
N ASN C 123 -14.07 3.94 8.63
CA ASN C 123 -12.88 4.23 9.42
C ASN C 123 -12.34 3.00 10.15
N VAL C 124 -12.68 1.80 9.67
CA VAL C 124 -11.97 0.56 9.97
C VAL C 124 -12.18 0.07 11.40
N CYS C 125 -12.13 0.97 12.38
CA CYS C 125 -12.08 0.55 13.78
C CYS C 125 -12.95 1.47 14.64
N HIS C 126 -13.20 1.00 15.87
CA HIS C 126 -13.92 1.76 16.88
C HIS C 126 -13.16 1.72 18.19
N GLY C 127 -13.28 2.80 18.97
CA GLY C 127 -12.70 2.85 20.30
C GLY C 127 -13.53 3.65 21.28
N SER C 128 -13.58 3.21 22.53
CA SER C 128 -14.34 3.92 23.54
C SER C 128 -13.75 5.30 23.78
N ASP C 129 -14.61 6.29 23.94
CA ASP C 129 -14.19 7.68 24.11
C ASP C 129 -14.09 8.11 25.57
N SER C 130 -14.45 7.24 26.51
CA SER C 130 -14.37 7.58 27.92
C SER C 130 -14.37 6.30 28.74
N VAL C 131 -13.91 6.41 29.99
CA VAL C 131 -13.86 5.25 30.87
C VAL C 131 -15.27 4.74 31.16
N GLU C 132 -16.23 5.65 31.32
CA GLU C 132 -17.60 5.22 31.58
C GLU C 132 -18.23 4.55 30.37
N ASN C 133 -18.04 5.13 29.18
CA ASN C 133 -18.53 4.49 27.97
C ASN C 133 -17.80 3.18 27.69
N ALA C 134 -16.53 3.07 28.10
CA ALA C 134 -15.81 1.82 27.95
C ALA C 134 -16.44 0.71 28.78
N LYS C 135 -16.81 1.01 30.02
CA LYS C 135 -17.45 0.02 30.87
C LYS C 135 -18.82 -0.37 30.31
N LYS C 136 -19.56 0.59 29.77
CA LYS C 136 -20.87 0.28 29.19
C LYS C 136 -20.73 -0.55 27.92
N GLU C 137 -19.69 -0.27 27.11
CA GLU C 137 -19.50 -1.03 25.89
C GLU C 137 -18.94 -2.43 26.16
N ILE C 138 -18.09 -2.56 27.18
CA ILE C 138 -17.55 -3.87 27.54
C ILE C 138 -18.67 -4.80 28.02
N ALA C 139 -19.52 -4.30 28.92
CA ALA C 139 -20.63 -5.10 29.40
C ALA C 139 -21.66 -5.38 28.31
N LEU C 140 -21.76 -4.49 27.31
CA LEU C 140 -22.71 -4.71 26.24
C LEU C 140 -22.23 -5.77 25.27
N TRP C 141 -20.93 -5.79 24.97
CA TRP C 141 -20.39 -6.68 23.95
C TRP C 141 -19.86 -8.00 24.51
N PHE C 142 -19.36 -8.00 25.75
CA PHE C 142 -18.71 -9.18 26.31
C PHE C 142 -19.43 -9.63 27.58
N LYS C 143 -19.51 -10.95 27.75
CA LYS C 143 -19.92 -11.51 29.03
C LYS C 143 -18.77 -11.40 30.02
N PRO C 144 -19.08 -11.34 31.32
CA PRO C 144 -18.00 -11.24 32.32
C PRO C 144 -17.02 -12.39 32.28
N GLU C 145 -17.44 -13.57 31.85
CA GLU C 145 -16.54 -14.72 31.78
C GLU C 145 -15.56 -14.64 30.62
N GLU C 146 -15.86 -13.82 29.61
CA GLU C 146 -14.97 -13.68 28.45
C GLU C 146 -13.77 -12.78 28.73
N LEU C 147 -13.72 -12.13 29.88
CA LEU C 147 -12.58 -11.31 30.28
C LEU C 147 -11.56 -12.23 30.95
N ILE C 148 -10.43 -12.44 30.28
CA ILE C 148 -9.41 -13.38 30.74
C ILE C 148 -8.45 -12.64 31.67
N SER C 149 -8.19 -13.22 32.84
CA SER C 149 -7.30 -12.64 33.84
C SER C 149 -5.93 -13.27 33.72
N TRP C 150 -4.91 -12.45 33.52
CA TRP C 150 -3.53 -12.90 33.44
C TRP C 150 -2.62 -11.69 33.57
N LYS C 151 -1.34 -11.96 33.84
CA LYS C 151 -0.33 -10.92 33.97
C LYS C 151 0.76 -11.14 32.94
N SER C 152 1.07 -10.08 32.19
CA SER C 152 2.12 -10.16 31.18
C SER C 152 3.48 -10.36 31.84
N ALA C 153 4.33 -11.17 31.21
CA ALA C 153 5.66 -11.44 31.72
C ALA C 153 6.56 -10.21 31.69
N THR C 154 6.19 -9.16 30.96
CA THR C 154 6.96 -7.93 30.89
C THR C 154 6.21 -6.76 31.52
N PHE C 155 5.32 -7.05 32.47
CA PHE C 155 4.54 -5.99 33.12
C PHE C 155 5.45 -5.01 33.86
N ASP C 156 6.44 -5.51 34.58
CA ASP C 156 7.34 -4.64 35.34
C ASP C 156 8.31 -3.88 34.45
N TRP C 157 8.39 -4.22 33.16
CA TRP C 157 9.21 -3.46 32.22
C TRP C 157 8.39 -2.46 31.43
N VAL C 158 7.08 -2.66 31.32
CA VAL C 158 6.22 -1.67 30.69
C VAL C 158 5.76 -0.61 31.69
N TYR C 159 5.57 -0.98 32.95
CA TYR C 159 5.05 -0.06 33.96
C TYR C 159 6.05 0.13 35.09
N GLU C 160 6.08 1.34 35.62
CA GLU C 160 6.95 1.69 36.73
C GLU C 160 6.23 1.54 38.07
#